data_5SCZ
#
_entry.id   5SCZ
#
_cell.length_a   29.500
_cell.length_b   67.220
_cell.length_c   72.330
_cell.angle_alpha   90.000
_cell.angle_beta   90.000
_cell.angle_gamma   90.000
#
_symmetry.space_group_name_H-M   'P 21 21 21'
#
loop_
_entity.id
_entity.type
_entity.pdbx_description
1 polymer 'Dihydrofolate reductase'
2 non-polymer 'NADP NICOTINAMIDE-ADENINE-DINUCLEOTIDE PHOSPHATE'
3 non-polymer (2E)-3-(2-{3-[(2,4-diamino-6-ethylpyrimidin-5-yl)oxy]propoxy}pyridin-3-yl)prop-2-en-1-ol
4 non-polymer 'SODIUM ION'
5 non-polymer 'CHLORIDE ION'
6 non-polymer 1,2-ETHANEDIOL
7 non-polymer 'FORMIC ACID'
8 water water
#
_entity_poly.entity_id   1
_entity_poly.type   'polypeptide(L)'
_entity_poly.pdbx_seq_one_letter_code
;MGSSHHHHHHSSGLVPRGSHMVGLIWAQATSGVIGRGGDIPWRLPEDQAHFREITMGHTIVMGRRTWDSLPAKVRPLPGR
RNVVLSRQADFMASGAEVVGSLEEALTSPETWVIGGGQVYALALPYATRCEVTEVDIGLPREAGDALAPVLDETWRGETG
EWRFSRSGLRYRLYSYHRS
;
_entity_poly.pdbx_strand_id   A
#
loop_
_chem_comp.id
_chem_comp.type
_chem_comp.name
_chem_comp.formula
CL non-polymer 'CHLORIDE ION' 'Cl -1'
EDO non-polymer 1,2-ETHANEDIOL 'C2 H6 O2'
FMT non-polymer 'FORMIC ACID' 'C H2 O2'
HI9 non-polymer (2E)-3-(2-{3-[(2,4-diamino-6-ethylpyrimidin-5-yl)oxy]propoxy}pyridin-3-yl)prop-2-en-1-ol 'C17 H23 N5 O3'
NA non-polymer 'SODIUM ION' 'Na 1'
NAP non-polymer 'NADP NICOTINAMIDE-ADENINE-DINUCLEOTIDE PHOSPHATE' 'C21 H28 N7 O17 P3'
#
# COMPACT_ATOMS: atom_id res chain seq x y z
N LEU A 14 9.53 4.63 -17.87
CA LEU A 14 10.43 3.53 -17.60
C LEU A 14 11.25 3.80 -16.34
N VAL A 15 11.81 2.76 -15.74
CA VAL A 15 12.60 2.93 -14.51
C VAL A 15 14.06 2.57 -14.79
N PRO A 16 14.98 3.54 -14.81
CA PRO A 16 16.40 3.20 -15.01
C PRO A 16 16.90 2.36 -13.85
N ARG A 17 17.81 1.42 -14.16
CA ARG A 17 18.20 0.46 -13.13
C ARG A 17 19.07 1.09 -12.05
N GLY A 18 19.64 2.26 -12.31
CA GLY A 18 20.40 2.99 -11.32
C GLY A 18 19.59 3.92 -10.46
N SER A 19 18.28 4.00 -10.67
CA SER A 19 17.44 4.90 -9.90
C SER A 19 16.84 4.18 -8.70
N HIS A 20 16.12 4.93 -7.85
CA HIS A 20 15.42 4.37 -6.69
C HIS A 20 14.02 4.97 -6.68
N MET A 21 13.14 4.38 -7.47
CA MET A 21 11.76 4.83 -7.59
CA MET A 21 11.77 4.86 -7.56
C MET A 21 10.93 4.25 -6.45
N VAL A 22 10.13 5.09 -5.82
CA VAL A 22 9.33 4.70 -4.65
C VAL A 22 7.87 5.02 -4.96
N GLY A 23 7.02 4.00 -4.91
CA GLY A 23 5.60 4.18 -5.09
C GLY A 23 4.86 3.71 -3.85
N LEU A 24 3.68 4.29 -3.62
CA LEU A 24 2.78 3.88 -2.55
CA LEU A 24 2.78 3.88 -2.55
C LEU A 24 1.53 3.28 -3.18
N ILE A 25 1.06 2.15 -2.64
CA ILE A 25 -0.18 1.55 -3.14
C ILE A 25 -1.06 1.19 -1.95
N TRP A 26 -2.33 1.62 -1.99
CA TRP A 26 -3.25 1.34 -0.90
C TRP A 26 -4.69 1.30 -1.42
N ALA A 27 -5.56 0.69 -0.65
CA ALA A 27 -6.99 0.72 -0.88
C ALA A 27 -7.67 1.41 0.30
N GLN A 28 -8.61 2.31 0.01
CA GLN A 28 -9.27 3.06 1.07
C GLN A 28 -10.77 3.10 0.86
N ALA A 29 -11.50 3.21 1.98
CA ALA A 29 -12.88 3.65 1.91
C ALA A 29 -12.92 5.14 1.55
N THR A 30 -14.11 5.65 1.22
CA THR A 30 -14.20 7.06 0.82
C THR A 30 -13.82 7.99 1.95
N SER A 31 -13.92 7.53 3.19
CA SER A 31 -13.51 8.27 4.37
C SER A 31 -11.99 8.36 4.54
N GLY A 32 -11.21 7.60 3.78
CA GLY A 32 -9.78 7.50 4.01
C GLY A 32 -9.35 6.36 4.93
N VAL A 33 -10.30 5.64 5.53
CA VAL A 33 -9.93 4.50 6.37
C VAL A 33 -9.27 3.43 5.53
N ILE A 34 -8.15 2.91 6.00
CA ILE A 34 -7.50 1.77 5.37
C ILE A 34 -7.41 0.55 6.26
N GLY A 35 -7.50 0.71 7.57
CA GLY A 35 -7.28 -0.41 8.47
C GLY A 35 -8.02 -0.21 9.78
N ARG A 36 -8.47 -1.31 10.36
CA ARG A 36 -9.23 -1.25 11.61
C ARG A 36 -9.11 -2.59 12.31
N GLY A 37 -8.81 -2.56 13.60
CA GLY A 37 -8.74 -3.80 14.35
C GLY A 37 -7.75 -4.81 13.80
N GLY A 38 -6.63 -4.32 13.27
CA GLY A 38 -5.58 -5.18 12.72
C GLY A 38 -5.91 -5.84 11.40
N ASP A 39 -6.83 -5.27 10.62
CA ASP A 39 -7.26 -5.89 9.38
C ASP A 39 -7.70 -4.78 8.43
N ILE A 40 -8.01 -5.17 7.19
CA ILE A 40 -8.72 -4.28 6.28
C ILE A 40 -10.22 -4.54 6.45
N PRO A 41 -11.04 -3.51 6.70
CA PRO A 41 -12.45 -3.74 7.04
C PRO A 41 -13.38 -3.95 5.85
N TRP A 42 -12.85 -4.51 4.77
CA TRP A 42 -13.66 -5.00 3.64
C TRP A 42 -12.81 -6.01 2.90
N ARG A 43 -13.41 -6.64 1.89
CA ARG A 43 -12.70 -7.46 0.91
C ARG A 43 -13.19 -7.08 -0.48
N LEU A 44 -12.27 -6.94 -1.43
CA LEU A 44 -12.66 -6.56 -2.78
C LEU A 44 -11.74 -7.29 -3.75
N PRO A 45 -12.21 -8.33 -4.43
CA PRO A 45 -11.31 -9.11 -5.30
C PRO A 45 -10.66 -8.28 -6.40
N GLU A 46 -11.39 -7.33 -6.98
CA GLU A 46 -10.80 -6.47 -8.00
C GLU A 46 -9.61 -5.71 -7.45
N ASP A 47 -9.65 -5.34 -6.16
CA ASP A 47 -8.51 -4.66 -5.57
C ASP A 47 -7.35 -5.61 -5.35
N GLN A 48 -7.64 -6.84 -4.89
CA GLN A 48 -6.56 -7.81 -4.73
CA GLN A 48 -6.59 -7.85 -4.74
C GLN A 48 -5.86 -8.06 -6.06
N ALA A 49 -6.62 -8.21 -7.15
CA ALA A 49 -6.01 -8.44 -8.46
C ALA A 49 -5.15 -7.25 -8.87
N HIS A 50 -5.67 -6.04 -8.69
CA HIS A 50 -4.95 -4.81 -9.05
C HIS A 50 -3.66 -4.67 -8.25
N PHE A 51 -3.73 -4.89 -6.94
CA PHE A 51 -2.53 -4.87 -6.10
C PHE A 51 -1.46 -5.83 -6.63
N ARG A 52 -1.84 -7.05 -6.98
CA ARG A 52 -0.89 -8.01 -7.54
C ARG A 52 -0.33 -7.54 -8.87
N GLU A 53 -1.19 -7.01 -9.76
CA GLU A 53 -0.70 -6.58 -11.07
C GLU A 53 0.36 -5.50 -10.92
N ILE A 54 0.17 -4.57 -9.99
CA ILE A 54 1.09 -3.45 -9.85
C ILE A 54 2.41 -3.90 -9.21
N THR A 55 2.32 -4.74 -8.17
CA THR A 55 3.51 -4.96 -7.36
C THR A 55 4.36 -6.15 -7.82
N MET A 56 3.81 -7.06 -8.63
CA MET A 56 4.52 -8.31 -8.92
C MET A 56 5.89 -8.03 -9.55
N GLY A 57 6.91 -8.75 -9.06
CA GLY A 57 8.26 -8.60 -9.57
C GLY A 57 9.09 -7.55 -8.89
N HIS A 58 8.50 -6.74 -8.03
CA HIS A 58 9.20 -5.63 -7.39
C HIS A 58 9.39 -5.91 -5.91
N THR A 59 10.23 -5.10 -5.26
CA THR A 59 10.32 -5.14 -3.81
C THR A 59 9.07 -4.51 -3.20
N ILE A 60 8.53 -5.14 -2.14
CA ILE A 60 7.42 -4.55 -1.38
C ILE A 60 7.90 -4.30 0.04
N VAL A 61 7.57 -3.11 0.55
CA VAL A 61 7.96 -2.70 1.90
C VAL A 61 6.68 -2.50 2.71
N MET A 62 6.63 -3.10 3.90
CA MET A 62 5.46 -2.98 4.76
C MET A 62 5.88 -2.71 6.20
N GLY A 63 4.99 -2.05 6.94
CA GLY A 63 5.19 -1.94 8.38
C GLY A 63 4.99 -3.26 9.08
N ARG A 64 5.60 -3.38 10.27
CA ARG A 64 5.50 -4.61 11.06
C ARG A 64 4.03 -4.98 11.33
N ARG A 65 3.17 -3.99 11.57
CA ARG A 65 1.77 -4.33 11.86
C ARG A 65 1.06 -4.86 10.63
N THR A 66 1.50 -4.48 9.44
CA THR A 66 0.92 -5.06 8.22
C THR A 66 1.40 -6.48 8.02
N TRP A 67 2.67 -6.76 8.32
CA TRP A 67 3.15 -8.14 8.30
C TRP A 67 2.32 -9.00 9.25
N ASP A 68 2.07 -8.48 10.47
CA ASP A 68 1.26 -9.21 11.45
C ASP A 68 -0.15 -9.49 10.94
N SER A 69 -0.69 -8.62 10.08
CA SER A 69 -2.07 -8.78 9.62
C SER A 69 -2.22 -9.81 8.51
N LEU A 70 -1.14 -10.20 7.87
CA LEU A 70 -1.18 -11.28 6.88
C LEU A 70 -1.19 -12.62 7.60
N PRO A 71 -2.08 -13.55 7.24
CA PRO A 71 -2.02 -14.89 7.82
C PRO A 71 -0.65 -15.52 7.60
N ALA A 72 -0.16 -16.24 8.61
CA ALA A 72 1.17 -16.82 8.52
C ALA A 72 1.34 -17.65 7.26
N LYS A 73 0.30 -18.38 6.87
CA LYS A 73 0.42 -19.28 5.72
C LYS A 73 0.70 -18.53 4.41
N VAL A 74 0.26 -17.26 4.30
CA VAL A 74 0.44 -16.55 3.03
C VAL A 74 1.73 -15.75 2.97
N ARG A 75 2.41 -15.51 4.10
CA ARG A 75 3.53 -14.60 4.07
C ARG A 75 4.85 -15.37 4.07
N PRO A 76 5.92 -14.87 3.41
CA PRO A 76 6.01 -13.63 2.65
C PRO A 76 5.20 -13.69 1.34
N LEU A 77 4.66 -12.57 0.90
CA LEU A 77 3.88 -12.56 -0.32
C LEU A 77 4.76 -12.98 -1.49
N PRO A 78 4.31 -13.89 -2.35
CA PRO A 78 5.22 -14.49 -3.34
C PRO A 78 5.48 -13.59 -4.55
N GLY A 79 6.58 -13.89 -5.23
CA GLY A 79 6.95 -13.18 -6.44
C GLY A 79 7.48 -11.77 -6.21
N ARG A 80 7.74 -11.40 -4.97
CA ARG A 80 8.19 -10.07 -4.59
C ARG A 80 9.14 -10.18 -3.40
N ARG A 81 10.20 -9.38 -3.41
CA ARG A 81 11.07 -9.27 -2.25
C ARG A 81 10.32 -8.55 -1.13
N ASN A 82 10.11 -9.24 0.01
CA ASN A 82 9.38 -8.69 1.15
C ASN A 82 10.36 -8.06 2.13
N VAL A 83 10.10 -6.81 2.51
CA VAL A 83 10.89 -6.08 3.49
C VAL A 83 9.93 -5.51 4.53
N VAL A 84 10.24 -5.72 5.80
CA VAL A 84 9.37 -5.29 6.89
C VAL A 84 10.11 -4.27 7.75
N LEU A 85 9.44 -3.16 8.05
CA LEU A 85 9.99 -2.12 8.91
C LEU A 85 9.60 -2.35 10.37
N SER A 86 10.60 -2.40 11.25
CA SER A 86 10.37 -2.52 12.68
C SER A 86 11.51 -1.83 13.42
N ARG A 87 11.19 -1.27 14.60
CA ARG A 87 12.19 -0.73 15.49
C ARG A 87 12.60 -1.71 16.57
N GLN A 88 11.94 -2.87 16.62
CA GLN A 88 12.22 -3.88 17.62
C GLN A 88 13.34 -4.77 17.12
N ALA A 89 14.46 -4.79 17.86
CA ALA A 89 15.62 -5.57 17.45
C ALA A 89 15.35 -7.07 17.48
N ASP A 90 14.29 -7.52 18.15
CA ASP A 90 14.00 -8.95 18.21
C ASP A 90 12.75 -9.35 17.40
N PHE A 91 12.18 -8.44 16.62
CA PHE A 91 11.12 -8.85 15.71
C PHE A 91 11.71 -9.52 14.48
N MET A 92 11.18 -10.70 14.15
CA MET A 92 11.68 -11.48 13.02
C MET A 92 10.53 -11.87 12.11
N ALA A 93 10.78 -11.83 10.79
CA ALA A 93 9.77 -12.16 9.78
C ALA A 93 10.34 -13.28 8.90
N SER A 94 9.89 -14.51 9.15
CA SER A 94 10.39 -15.66 8.41
C SER A 94 10.14 -15.48 6.93
N GLY A 95 11.20 -15.64 6.14
CA GLY A 95 11.13 -15.52 4.70
C GLY A 95 11.37 -14.12 4.17
N ALA A 96 11.51 -13.14 5.05
CA ALA A 96 11.58 -11.74 4.68
C ALA A 96 12.69 -11.06 5.47
N GLU A 97 13.01 -9.83 5.07
CA GLU A 97 14.03 -9.03 5.72
C GLU A 97 13.37 -7.97 6.60
N VAL A 98 13.85 -7.85 7.84
CA VAL A 98 13.40 -6.79 8.75
C VAL A 98 14.50 -5.74 8.84
N VAL A 99 14.15 -4.49 8.53
CA VAL A 99 15.09 -3.37 8.66
C VAL A 99 14.45 -2.30 9.53
N GLY A 100 15.30 -1.45 10.10
CA GLY A 100 14.85 -0.42 11.00
C GLY A 100 14.64 0.95 10.39
N SER A 101 14.73 1.09 9.07
CA SER A 101 14.57 2.41 8.47
C SER A 101 14.23 2.30 6.99
N LEU A 102 13.70 3.39 6.45
CA LEU A 102 13.45 3.46 5.01
C LEU A 102 14.74 3.45 4.20
N GLU A 103 15.82 4.01 4.74
CA GLU A 103 17.10 3.98 4.05
C GLU A 103 17.49 2.55 3.68
N GLU A 104 17.41 1.64 4.65
CA GLU A 104 17.76 0.25 4.37
C GLU A 104 16.73 -0.43 3.49
N ALA A 105 15.48 0.04 3.51
CA ALA A 105 14.42 -0.66 2.80
C ALA A 105 14.37 -0.29 1.32
N LEU A 106 14.88 0.89 0.95
CA LEU A 106 14.65 1.44 -0.38
C LEU A 106 15.92 1.35 -1.24
N THR A 107 16.44 0.14 -1.38
CA THR A 107 17.67 -0.04 -2.14
C THR A 107 17.44 -0.64 -3.52
N SER A 108 16.23 -1.11 -3.82
CA SER A 108 15.92 -1.65 -5.13
C SER A 108 15.63 -0.53 -6.13
N PRO A 109 15.73 -0.81 -7.43
CA PRO A 109 15.36 0.23 -8.41
C PRO A 109 13.90 0.61 -8.34
N GLU A 110 13.01 -0.32 -8.01
CA GLU A 110 11.59 -0.01 -7.93
C GLU A 110 11.02 -0.66 -6.67
N THR A 111 10.44 0.15 -5.79
CA THR A 111 9.91 -0.32 -4.53
C THR A 111 8.46 0.14 -4.40
N TRP A 112 7.60 -0.77 -3.95
CA TRP A 112 6.23 -0.43 -3.64
C TRP A 112 6.02 -0.54 -2.14
N VAL A 113 5.65 0.57 -1.50
CA VAL A 113 5.29 0.59 -0.10
C VAL A 113 3.82 0.19 0.00
N ILE A 114 3.55 -0.90 0.71
CA ILE A 114 2.23 -1.53 0.68
C ILE A 114 1.48 -1.35 1.99
N GLY A 115 1.92 -0.43 2.85
CA GLY A 115 1.21 -0.07 4.06
C GLY A 115 1.99 -0.43 5.30
N GLY A 116 1.39 -0.11 6.47
CA GLY A 116 0.10 0.55 6.56
C GLY A 116 0.18 2.04 6.82
N GLY A 117 -0.70 2.55 7.68
CA GLY A 117 -0.84 4.01 7.81
C GLY A 117 0.43 4.69 8.25
N GLN A 118 1.11 4.13 9.27
CA GLN A 118 2.35 4.74 9.73
C GLN A 118 3.40 4.77 8.63
N VAL A 119 3.55 3.66 7.89
CA VAL A 119 4.61 3.57 6.90
C VAL A 119 4.30 4.39 5.64
N TYR A 120 3.03 4.54 5.25
CA TYR A 120 2.74 5.47 4.15
C TYR A 120 3.19 6.88 4.50
N ALA A 121 2.88 7.33 5.72
CA ALA A 121 3.25 8.69 6.10
C ALA A 121 4.77 8.83 6.17
N LEU A 122 5.47 7.75 6.55
CA LEU A 122 6.92 7.77 6.63
C LEU A 122 7.55 7.86 5.24
N ALA A 123 6.97 7.16 4.28
CA ALA A 123 7.56 7.01 2.95
C ALA A 123 7.18 8.11 2.00
N LEU A 124 6.08 8.83 2.28
CA LEU A 124 5.58 9.83 1.35
C LEU A 124 6.63 10.84 0.89
N PRO A 125 7.54 11.35 1.74
CA PRO A 125 8.50 12.36 1.24
C PRO A 125 9.40 11.87 0.12
N TYR A 126 9.56 10.55 -0.04
CA TYR A 126 10.41 9.99 -1.08
C TYR A 126 9.65 9.47 -2.28
N ALA A 127 8.32 9.47 -2.23
CA ALA A 127 7.51 8.82 -3.24
C ALA A 127 7.20 9.77 -4.39
N THR A 128 7.09 9.18 -5.59
CA THR A 128 6.73 9.94 -6.79
C THR A 128 5.50 9.35 -7.47
N ARG A 129 4.95 8.27 -6.94
CA ARG A 129 3.75 7.64 -7.47
C ARG A 129 2.91 7.11 -6.34
N CYS A 130 1.61 7.27 -6.46
CA CYS A 130 0.64 6.59 -5.61
C CYS A 130 -0.39 5.90 -6.48
N GLU A 131 -0.74 4.67 -6.13
CA GLU A 131 -1.79 3.94 -6.83
C GLU A 131 -2.86 3.60 -5.80
N VAL A 132 -4.06 4.14 -6.00
CA VAL A 132 -5.10 4.09 -4.98
C VAL A 132 -6.31 3.35 -5.53
N THR A 133 -6.87 2.46 -4.71
CA THR A 133 -8.22 1.95 -4.93
C THR A 133 -9.12 2.59 -3.89
N GLU A 134 -10.21 3.20 -4.33
CA GLU A 134 -11.18 3.76 -3.39
C GLU A 134 -12.48 2.95 -3.49
N VAL A 135 -12.93 2.43 -2.35
CA VAL A 135 -14.13 1.60 -2.27
C VAL A 135 -15.27 2.45 -1.72
N ASP A 136 -16.42 2.40 -2.38
CA ASP A 136 -17.53 3.26 -2.00
C ASP A 136 -18.37 2.59 -0.91
N ILE A 137 -17.74 2.39 0.23
N ILE A 137 -17.72 2.31 0.21
CA ILE A 137 -18.40 1.83 1.40
CA ILE A 137 -18.40 1.87 1.41
C ILE A 137 -18.33 2.86 2.52
C ILE A 137 -18.39 3.02 2.40
N GLY A 138 -19.47 3.16 3.14
CA GLY A 138 -19.53 4.14 4.19
C GLY A 138 -18.95 3.60 5.48
N LEU A 139 -17.64 3.79 5.68
CA LEU A 139 -16.94 3.37 6.90
C LEU A 139 -16.29 4.59 7.55
N PRO A 140 -17.03 5.34 8.36
CA PRO A 140 -16.46 6.56 8.96
C PRO A 140 -15.26 6.28 9.83
N ARG A 141 -14.39 7.29 9.93
CA ARG A 141 -13.16 7.17 10.71
C ARG A 141 -13.47 6.97 12.18
N GLU A 142 -12.89 5.92 12.76
CA GLU A 142 -13.02 5.63 14.17
C GLU A 142 -11.66 5.75 14.84
N ALA A 143 -11.68 6.03 16.14
CA ALA A 143 -10.45 6.16 16.90
C ALA A 143 -9.59 4.91 16.76
N GLY A 144 -8.32 5.11 16.43
CA GLY A 144 -7.39 4.02 16.26
C GLY A 144 -7.29 3.46 14.86
N ASP A 145 -8.14 3.90 13.93
CA ASP A 145 -8.07 3.44 12.56
C ASP A 145 -6.71 3.80 11.96
N ALA A 146 -6.29 3.01 10.98
CA ALA A 146 -5.23 3.41 10.07
C ALA A 146 -5.86 4.16 8.92
N LEU A 147 -5.22 5.25 8.50
CA LEU A 147 -5.76 6.14 7.47
C LEU A 147 -4.77 6.28 6.32
N ALA A 148 -5.32 6.55 5.14
CA ALA A 148 -4.51 6.83 3.96
C ALA A 148 -3.73 8.13 4.15
N PRO A 149 -2.56 8.24 3.52
CA PRO A 149 -1.84 9.52 3.59
C PRO A 149 -2.59 10.58 2.81
N VAL A 150 -2.51 11.81 3.30
CA VAL A 150 -3.05 12.97 2.61
C VAL A 150 -2.01 13.50 1.63
N LEU A 151 -2.44 13.87 0.43
CA LEU A 151 -1.54 14.27 -0.65
C LEU A 151 -1.70 15.76 -0.91
N ASP A 152 -0.59 16.50 -0.84
CA ASP A 152 -0.61 17.95 -1.00
C ASP A 152 -0.64 18.32 -2.47
N GLU A 153 -0.55 19.62 -2.75
CA GLU A 153 -0.69 20.09 -4.12
C GLU A 153 0.55 19.84 -4.99
N THR A 154 1.63 19.27 -4.46
CA THR A 154 2.70 18.84 -5.36
C THR A 154 2.31 17.60 -6.14
N TRP A 155 1.29 16.88 -5.69
CA TRP A 155 0.80 15.70 -6.37
C TRP A 155 -0.24 16.09 -7.40
N ARG A 156 -0.21 15.40 -8.55
CA ARG A 156 -1.28 15.51 -9.54
C ARG A 156 -1.86 14.11 -9.75
N GLY A 157 -3.18 14.03 -9.84
CA GLY A 157 -3.87 12.75 -9.84
C GLY A 157 -4.72 12.54 -11.08
N GLU A 158 -4.87 11.27 -11.45
CA GLU A 158 -5.83 10.79 -12.42
C GLU A 158 -6.88 9.99 -11.67
N THR A 159 -8.15 10.39 -11.78
CA THR A 159 -9.25 9.73 -11.10
C THR A 159 -10.07 8.95 -12.12
N GLY A 160 -10.16 7.63 -11.94
CA GLY A 160 -11.00 6.83 -12.81
C GLY A 160 -12.47 7.04 -12.49
N GLU A 161 -13.32 6.73 -13.47
CA GLU A 161 -14.74 6.74 -13.21
C GLU A 161 -15.11 5.62 -12.22
N TRP A 162 -16.28 5.76 -11.61
CA TRP A 162 -16.77 4.71 -10.74
C TRP A 162 -17.04 3.43 -11.52
N ARG A 163 -16.50 2.32 -11.00
CA ARG A 163 -16.78 1.00 -11.53
CA ARG A 163 -16.76 0.98 -11.52
C ARG A 163 -17.55 0.19 -10.50
N PHE A 164 -17.96 -1.01 -10.88
CA PHE A 164 -18.83 -1.81 -10.03
C PHE A 164 -18.24 -3.20 -9.89
N SER A 165 -18.03 -3.64 -8.64
CA SER A 165 -17.39 -4.91 -8.38
CA SER A 165 -17.39 -4.92 -8.40
C SER A 165 -18.39 -6.06 -8.50
N ARG A 166 -17.86 -7.28 -8.67
CA ARG A 166 -18.71 -8.47 -8.65
C ARG A 166 -19.44 -8.59 -7.33
N SER A 167 -18.81 -8.14 -6.24
CA SER A 167 -19.41 -8.20 -4.91
C SER A 167 -20.36 -7.05 -4.63
N GLY A 168 -20.65 -6.20 -5.61
CA GLY A 168 -21.70 -5.21 -5.44
C GLY A 168 -21.30 -3.94 -4.73
N LEU A 169 -20.02 -3.59 -4.77
CA LEU A 169 -19.51 -2.31 -4.28
C LEU A 169 -19.01 -1.47 -5.44
N ARG A 170 -19.33 -0.18 -5.42
CA ARG A 170 -18.66 0.72 -6.35
C ARG A 170 -17.21 0.93 -5.90
N TYR A 171 -16.32 1.07 -6.87
CA TYR A 171 -14.94 1.39 -6.57
C TYR A 171 -14.35 2.17 -7.74
N ARG A 172 -13.25 2.87 -7.48
CA ARG A 172 -12.57 3.58 -8.55
C ARG A 172 -11.07 3.60 -8.25
N LEU A 173 -10.30 3.81 -9.31
CA LEU A 173 -8.84 3.83 -9.21
C LEU A 173 -8.33 5.26 -9.38
N TYR A 174 -7.35 5.61 -8.57
CA TYR A 174 -6.58 6.84 -8.74
C TYR A 174 -5.13 6.51 -9.02
N SER A 175 -4.49 7.33 -9.86
CA SER A 175 -3.04 7.30 -10.04
CA SER A 175 -3.04 7.30 -10.04
C SER A 175 -2.51 8.71 -9.81
N TYR A 176 -1.60 8.85 -8.85
CA TYR A 176 -0.99 10.13 -8.54
C TYR A 176 0.48 10.11 -8.90
N HIS A 177 1.00 11.26 -9.31
CA HIS A 177 2.41 11.41 -9.62
C HIS A 177 2.91 12.75 -9.13
N ARG A 178 4.23 12.80 -8.90
CA ARG A 178 4.91 14.08 -8.75
C ARG A 178 6.36 13.89 -9.13
N SER A 179 7.07 15.01 -9.24
CA SER A 179 8.45 14.99 -9.72
C SER A 179 9.44 14.47 -8.68
PA NAP B . 1.98 -0.19 9.93
O1A NAP B . 2.31 1.07 9.22
O2A NAP B . 1.59 -1.35 9.03
O5B NAP B . 3.21 -0.71 10.82
C5B NAP B . 3.57 0.07 11.97
C4B NAP B . 4.90 -0.43 12.50
O4B NAP B . 5.94 -0.12 11.55
C3B NAP B . 5.34 0.25 13.79
O3B NAP B . 4.66 -0.31 14.92
C2B NAP B . 6.82 -0.10 13.73
O2B NAP B . 7.05 -1.48 14.08
C1B NAP B . 7.15 0.12 12.27
N9A NAP B . 7.64 1.46 11.97
C8A NAP B . 6.92 2.63 11.89
N7A NAP B . 7.66 3.69 11.63
C5A NAP B . 8.94 3.18 11.57
C6A NAP B . 10.19 3.80 11.38
N6A NAP B . 10.37 5.11 11.20
N1A NAP B . 11.30 3.02 11.40
C2A NAP B . 11.15 1.71 11.60
N3A NAP B . 10.03 1.02 11.79
C4A NAP B . 8.95 1.82 11.76
O3 NAP B . 0.84 0.10 11.01
PN NAP B . -0.60 0.81 10.97
O1N NAP B . -0.41 2.24 10.61
O2N NAP B . -1.31 0.46 12.23
O5D NAP B . -1.30 0.10 9.73
C5D NAP B . -1.76 -1.27 9.80
C4D NAP B . -3.24 -1.32 9.49
O4D NAP B . -3.46 -0.93 8.10
C3D NAP B . -3.87 -2.71 9.63
O3D NAP B . -5.24 -2.57 9.98
C2D NAP B . -3.73 -3.27 8.21
O2D NAP B . -4.68 -4.28 7.90
C1D NAP B . -4.06 -2.01 7.41
N1N NAP B . -3.52 -2.02 6.00
C2N NAP B . -4.37 -1.63 5.03
C3N NAP B . -3.93 -1.49 3.74
C7N NAP B . -4.86 -1.03 2.65
O7N NAP B . -4.40 -0.74 1.53
N7N NAP B . -6.16 -0.87 2.94
C4N NAP B . -2.61 -1.79 3.44
C5N NAP B . -1.75 -2.22 4.44
C6N NAP B . -2.23 -2.33 5.73
P2B NAP B . 7.52 -1.90 15.57
O1X NAP B . 7.79 -3.39 15.47
O2X NAP B . 8.74 -1.05 15.89
O3X NAP B . 6.30 -1.56 16.48
C10 HI9 C . -3.06 -3.65 -0.06
C12 HI9 C . -1.56 -5.38 0.80
C13 HI9 C . -1.07 -5.84 2.17
C14 HI9 C . -2.25 -6.21 3.08
C01 HI9 C . -5.00 -6.38 -1.17
C02 HI9 C . -4.99 -5.25 -0.10
C03 HI9 C . -4.23 -4.06 -0.64
C05 HI9 C . -4.10 -2.39 -2.20
C08 HI9 C . -2.43 -2.54 -0.63
C16 HI9 C . -4.01 -7.87 3.01
C18 HI9 C . -5.44 -7.92 4.81
C19 HI9 C . -6.31 -8.78 4.19
C20 HI9 C . -5.97 -9.19 2.90
C21 HI9 C . -4.82 -8.75 2.28
C22 HI9 C . -4.45 -9.18 0.92
C23 HI9 C . -3.37 -9.83 0.53
C24 HI9 C . -3.06 -10.26 -0.87
N04 HI9 C . -4.76 -3.43 -1.70
N06 HI9 C . -4.63 -1.75 -3.28
N07 HI9 C . -2.96 -1.93 -1.69
N09 HI9 C . -1.27 -2.06 -0.14
N17 HI9 C . -4.32 -7.48 4.23
O11 HI9 C . -2.51 -4.29 1.06
O15 HI9 C . -2.87 -7.39 2.47
O25 HI9 C . -4.29 -10.25 -1.65
NA NA D . -4.53 0.45 -5.44
CL CL E . -0.56 -10.47 -3.04
C1 EDO F . -4.32 -0.24 13.33
O1 EDO F . -3.31 -1.20 12.98
C2 EDO F . -5.62 -0.54 12.59
O2 EDO F . -5.93 -1.94 12.67
C1 EDO G . -9.05 -5.23 0.42
O1 EDO G . -9.22 -4.48 -0.80
C2 EDO G . -8.53 -6.64 0.12
O2 EDO G . -9.58 -7.50 -0.32
C FMT H . -1.83 -2.41 20.37
O1 FMT H . -1.68 -2.34 21.59
O2 FMT H . -1.28 -1.66 19.58
C FMT I . -8.26 10.71 -2.80
O1 FMT I . -8.91 10.79 -1.75
O2 FMT I . -7.58 9.73 -3.13
#